data_7Y5H
#
_entry.id   7Y5H
#
_cell.length_a   1.00
_cell.length_b   1.00
_cell.length_c   1.00
_cell.angle_alpha   90.00
_cell.angle_beta   90.00
_cell.angle_gamma   90.00
#
_symmetry.space_group_name_H-M   'P 1'
#
loop_
_entity.id
_entity.type
_entity.pdbx_description
1 polymer 'Zinc transporter 8'
2 non-polymer 'ZINC ION'
#
_entity_poly.entity_id   1
_entity_poly.type   'polypeptide(L)'
_entity_poly.pdbx_seq_one_letter_code
;MKGSEEAYLVSDKATKMYSLTKDSEKNHPSKPPLQDEENPQSKYHCHNNNKKAYDARQREQTFAKKKLCIASLICFVFIS
AEIVGGYIAGSLAVVTDAAHLLVDLSSFFISLCSLWLSSKSSTTRLTFGWHRAEILGALMSVITIWLVTGVLVYLACERL
IRPDYTIDGTVMLITSACALGANLVLALILHQSGHGHSHAGGKHEHMASEYKPQTNASIRAAFIHVIGDLFQSISVLISA
LIIYFKPEYKMADPICTFIFSIFVLITTVTVLRDLLTVLMEGTPRGIHYSDVKQSILAVDGVKSVHSLHLWALTMNQVIL
SAHIATDIVGESKRILKDVTQNVFARFPFHSVTIQVEPIEDQSPECMFCYEPTQ
;
_entity_poly.pdbx_strand_id   B,A
#
loop_
_chem_comp.id
_chem_comp.type
_chem_comp.name
_chem_comp.formula
ZN non-polymer 'ZINC ION' 'Zn 2'
#
# COMPACT_ATOMS: atom_id res chain seq x y z
N LYS A 43 -18.76 -28.22 -25.14
CA LYS A 43 -19.08 -26.98 -24.45
C LYS A 43 -18.09 -26.70 -23.32
N TYR A 44 -16.85 -26.40 -23.69
CA TYR A 44 -15.80 -26.12 -22.71
C TYR A 44 -15.80 -24.63 -22.43
N HIS A 45 -16.59 -24.22 -21.44
CA HIS A 45 -16.59 -22.82 -21.03
C HIS A 45 -15.29 -22.48 -20.31
N CYS A 46 -14.80 -21.24 -20.53
CA CYS A 46 -13.53 -20.82 -19.96
C CYS A 46 -13.60 -20.62 -18.45
N HIS A 47 -14.78 -20.67 -17.85
CA HIS A 47 -14.94 -20.49 -16.41
C HIS A 47 -15.00 -21.82 -15.66
N ASN A 48 -14.83 -22.95 -16.35
CA ASN A 48 -15.03 -24.25 -15.71
C ASN A 48 -14.04 -24.48 -14.57
N ASN A 49 -12.77 -24.13 -14.77
CA ASN A 49 -11.74 -24.41 -13.80
C ASN A 49 -11.56 -23.32 -12.76
N ASN A 50 -12.29 -22.21 -12.88
CA ASN A 50 -12.15 -21.13 -11.91
C ASN A 50 -12.82 -21.44 -10.59
N LYS A 51 -13.64 -22.49 -10.51
CA LYS A 51 -14.28 -22.86 -9.25
C LYS A 51 -13.30 -23.50 -8.27
N LYS A 52 -12.17 -24.00 -8.75
CA LYS A 52 -11.19 -24.60 -7.86
C LYS A 52 -10.61 -23.57 -6.89
N ALA A 53 -10.36 -22.36 -7.37
CA ALA A 53 -9.83 -21.28 -6.55
C ALA A 53 -10.93 -20.42 -5.93
N TYR A 54 -12.19 -20.80 -6.11
CA TYR A 54 -13.33 -20.09 -5.53
C TYR A 54 -13.77 -20.72 -4.21
N ASP A 55 -13.97 -22.03 -4.18
CA ASP A 55 -14.38 -22.69 -2.95
C ASP A 55 -13.25 -22.71 -1.93
N ALA A 56 -12.01 -22.84 -2.38
CA ALA A 56 -10.88 -22.83 -1.45
C ALA A 56 -10.76 -21.48 -0.75
N ARG A 57 -11.00 -20.39 -1.47
CA ARG A 57 -10.98 -19.07 -0.84
C ARG A 57 -12.14 -18.90 0.14
N GLN A 58 -13.31 -19.45 -0.19
CA GLN A 58 -14.48 -19.28 0.67
C GLN A 58 -14.26 -19.89 2.05
N ARG A 59 -13.65 -21.07 2.11
CA ARG A 59 -13.38 -21.70 3.39
C ARG A 59 -12.38 -20.90 4.22
N GLU A 60 -11.39 -20.31 3.55
CA GLU A 60 -10.31 -19.63 4.28
C GLU A 60 -10.83 -18.42 5.05
N GLN A 61 -11.76 -17.67 4.46
CA GLN A 61 -12.26 -16.48 5.15
C GLN A 61 -13.21 -16.84 6.28
N THR A 62 -13.97 -17.93 6.14
CA THR A 62 -14.83 -18.37 7.23
C THR A 62 -14.00 -18.94 8.38
N PHE A 63 -12.98 -19.72 8.06
CA PHE A 63 -12.11 -20.26 9.09
C PHE A 63 -11.34 -19.16 9.81
N ALA A 64 -10.88 -18.15 9.06
CA ALA A 64 -10.14 -17.05 9.66
C ALA A 64 -11.03 -16.23 10.60
N LYS A 65 -12.30 -16.03 10.23
CA LYS A 65 -13.21 -15.27 11.09
C LYS A 65 -13.54 -16.02 12.38
N LYS A 66 -13.32 -17.32 12.42
CA LYS A 66 -13.62 -18.08 13.63
C LYS A 66 -12.58 -17.83 14.72
N LYS A 67 -11.30 -17.77 14.34
CA LYS A 67 -10.24 -17.64 15.34
C LYS A 67 -10.18 -16.23 15.93
N LEU A 68 -10.34 -15.21 15.08
CA LEU A 68 -10.26 -13.84 15.57
C LEU A 68 -11.37 -13.54 16.58
N CYS A 69 -12.59 -14.01 16.30
CA CYS A 69 -13.69 -13.80 17.25
C CYS A 69 -13.41 -14.48 18.58
N ILE A 70 -12.85 -15.69 18.53
CA ILE A 70 -12.46 -16.39 19.75
C ILE A 70 -11.37 -15.62 20.48
N ALA A 71 -10.36 -15.16 19.73
CA ALA A 71 -9.26 -14.42 20.34
C ALA A 71 -9.73 -13.10 20.94
N SER A 72 -10.65 -12.41 20.24
CA SER A 72 -11.14 -11.13 20.74
C SER A 72 -11.88 -11.31 22.07
N LEU A 73 -12.71 -12.35 22.19
CA LEU A 73 -13.41 -12.60 23.44
C LEU A 73 -12.43 -13.00 24.54
N ILE A 74 -11.45 -13.84 24.21
CA ILE A 74 -10.45 -14.25 25.20
C ILE A 74 -9.65 -13.04 25.68
N CYS A 75 -9.27 -12.17 24.75
CA CYS A 75 -8.58 -10.94 25.14
C CYS A 75 -9.48 -10.05 26.00
N PHE A 76 -10.77 -10.00 25.69
CA PHE A 76 -11.69 -9.17 26.45
C PHE A 76 -11.82 -9.65 27.89
N VAL A 77 -11.76 -10.97 28.12
CA VAL A 77 -11.84 -11.49 29.48
C VAL A 77 -10.66 -10.99 30.31
N PHE A 78 -9.46 -11.03 29.75
CA PHE A 78 -8.29 -10.56 30.48
C PHE A 78 -8.28 -9.05 30.67
N ILE A 79 -9.05 -8.31 29.86
CA ILE A 79 -9.21 -6.88 30.10
C ILE A 79 -9.92 -6.63 31.42
N SER A 80 -10.96 -7.42 31.71
CA SER A 80 -11.69 -7.26 32.96
C SER A 80 -10.83 -7.56 34.18
N ALA A 81 -9.76 -8.34 34.01
CA ALA A 81 -8.85 -8.60 35.13
C ALA A 81 -8.18 -7.31 35.58
N GLU A 82 -7.85 -6.42 34.64
CA GLU A 82 -7.26 -5.13 35.00
C GLU A 82 -8.22 -4.30 35.84
N ILE A 83 -9.50 -4.29 35.47
CA ILE A 83 -10.49 -3.54 36.24
C ILE A 83 -10.63 -4.11 37.65
N VAL A 84 -10.64 -5.43 37.76
CA VAL A 84 -10.75 -6.07 39.07
C VAL A 84 -9.55 -5.72 39.93
N GLY A 85 -8.34 -5.76 39.35
CA GLY A 85 -7.15 -5.38 40.09
C GLY A 85 -7.04 -3.90 40.37
N GLY A 86 -7.77 -3.07 39.63
CA GLY A 86 -7.73 -1.63 39.87
C GLY A 86 -8.32 -1.26 41.22
N TYR A 87 -9.40 -1.92 41.63
CA TYR A 87 -10.02 -1.63 42.92
C TYR A 87 -9.07 -1.98 44.07
N ILE A 88 -8.38 -3.10 43.97
CA ILE A 88 -7.43 -3.51 44.99
C ILE A 88 -6.04 -2.94 44.69
N LEU A 92 -2.97 -0.11 41.29
CA LEU A 92 -1.64 -0.16 41.88
C LEU A 92 -0.56 -0.23 40.81
N ALA A 93 -0.49 0.82 39.98
CA ALA A 93 0.48 0.91 38.89
C ALA A 93 0.38 -0.28 37.94
N VAL A 94 -0.84 -0.77 37.71
CA VAL A 94 -1.06 -1.91 36.83
C VAL A 94 -1.77 -1.53 35.54
N VAL A 95 -2.34 -0.32 35.46
CA VAL A 95 -3.02 0.12 34.25
C VAL A 95 -2.03 0.22 33.10
N THR A 96 -0.81 0.67 33.39
CA THR A 96 0.22 0.78 32.36
C THR A 96 0.57 -0.58 31.78
N ASP A 97 0.60 -1.62 32.62
CA ASP A 97 0.87 -2.96 32.14
C ASP A 97 -0.24 -3.44 31.21
N ALA A 98 -1.49 -3.10 31.53
CA ALA A 98 -2.63 -3.51 30.71
C ALA A 98 -2.82 -2.64 29.48
N ALA A 99 -2.04 -1.56 29.34
CA ALA A 99 -2.15 -0.73 28.15
C ALA A 99 -1.74 -1.48 26.89
N HIS A 100 -0.86 -2.48 27.02
CA HIS A 100 -0.49 -3.29 25.88
C HIS A 100 -1.68 -4.05 25.32
N LEU A 101 -2.55 -4.56 26.20
CA LEU A 101 -3.71 -5.32 25.76
C LEU A 101 -4.72 -4.46 25.02
N LEU A 102 -4.68 -3.14 25.18
CA LEU A 102 -5.64 -2.27 24.51
C LEU A 102 -5.42 -2.25 23.00
N VAL A 103 -4.17 -2.06 22.58
CA VAL A 103 -3.89 -2.02 21.14
C VAL A 103 -4.05 -3.39 20.51
N ASP A 104 -3.80 -4.46 21.28
CA ASP A 104 -3.99 -5.81 20.76
C ASP A 104 -5.44 -6.05 20.36
N LEU A 105 -6.38 -5.64 21.21
CA LEU A 105 -7.79 -5.75 20.86
C LEU A 105 -8.14 -4.86 19.68
N SER A 106 -7.56 -3.65 19.64
CA SER A 106 -7.80 -2.76 18.51
C SER A 106 -7.25 -3.35 17.22
N SER A 107 -6.08 -3.98 17.29
CA SER A 107 -5.49 -4.61 16.11
C SER A 107 -6.31 -5.82 15.64
N PHE A 108 -7.16 -6.38 16.51
CA PHE A 108 -8.03 -7.48 16.14
C PHE A 108 -9.38 -7.03 15.61
N PHE A 109 -9.64 -5.73 15.58
CA PHE A 109 -10.86 -5.20 14.98
C PHE A 109 -10.66 -4.75 13.55
N ILE A 110 -9.45 -4.29 13.19
CA ILE A 110 -9.17 -3.93 11.80
C ILE A 110 -9.25 -5.16 10.91
N SER A 111 -8.67 -6.27 11.36
CA SER A 111 -8.66 -7.48 10.54
C SER A 111 -10.05 -8.04 10.35
N LEU A 112 -10.87 -8.04 11.41
CA LEU A 112 -12.26 -8.46 11.27
C LEU A 112 -13.03 -7.51 10.37
N CYS A 113 -12.76 -6.21 10.46
CA CYS A 113 -13.42 -5.24 9.58
C CYS A 113 -13.05 -5.49 8.13
N SER A 114 -11.78 -5.76 7.85
CA SER A 114 -11.36 -6.01 6.47
C SER A 114 -11.96 -7.30 5.94
N LEU A 115 -12.04 -8.34 6.78
CA LEU A 115 -12.67 -9.59 6.35
C LEU A 115 -14.17 -9.42 6.17
N TRP A 116 -14.81 -8.60 7.00
CA TRP A 116 -16.21 -8.26 6.78
C TRP A 116 -16.37 -7.45 5.49
N LEU A 117 -15.44 -6.53 5.23
CA LEU A 117 -15.54 -5.66 4.07
C LEU A 117 -15.20 -6.38 2.77
N SER A 118 -14.33 -7.40 2.82
CA SER A 118 -13.88 -8.08 1.62
C SER A 118 -14.98 -8.87 0.94
N SER A 119 -16.12 -9.07 1.58
CA SER A 119 -17.21 -9.86 1.02
C SER A 119 -18.10 -9.06 0.07
N LYS A 120 -17.85 -7.78 -0.12
CA LYS A 120 -18.71 -6.97 -0.96
C LYS A 120 -18.59 -7.38 -2.42
N SER A 121 -19.61 -7.04 -3.20
CA SER A 121 -19.69 -7.42 -4.60
C SER A 121 -18.76 -6.55 -5.46
N SER A 122 -18.40 -7.08 -6.62
CA SER A 122 -17.64 -6.30 -7.58
C SER A 122 -18.52 -5.24 -8.23
N THR A 123 -17.92 -4.09 -8.53
CA THR A 123 -18.66 -2.93 -9.01
C THR A 123 -18.00 -2.41 -10.29
N THR A 124 -18.58 -1.33 -10.83
CA THR A 124 -18.00 -0.69 -12.00
C THR A 124 -16.60 -0.15 -11.70
N ARG A 125 -16.45 0.50 -10.56
CA ARG A 125 -15.13 0.80 -10.01
C ARG A 125 -14.68 -0.38 -9.16
N LEU A 126 -13.36 -0.56 -9.07
CA LEU A 126 -12.77 -1.72 -8.40
C LEU A 126 -13.28 -3.01 -9.04
N THR A 127 -12.93 -3.20 -10.32
CA THR A 127 -13.51 -4.27 -11.11
C THR A 127 -13.14 -5.64 -10.55
N PHE A 128 -11.90 -5.80 -10.10
CA PHE A 128 -11.49 -7.09 -9.56
C PHE A 128 -12.21 -7.42 -8.26
N GLY A 129 -12.54 -6.41 -7.46
CA GLY A 129 -13.23 -6.59 -6.21
C GLY A 129 -12.40 -6.11 -5.04
N TRP A 130 -13.00 -6.21 -3.85
CA TRP A 130 -12.37 -5.78 -2.62
C TRP A 130 -11.50 -6.86 -2.00
N HIS A 131 -11.07 -7.85 -2.79
CA HIS A 131 -10.32 -8.98 -2.23
C HIS A 131 -8.92 -8.59 -1.79
N ARG A 132 -8.42 -7.42 -2.20
CA ARG A 132 -7.12 -6.94 -1.76
C ARG A 132 -7.21 -6.08 -0.50
N ALA A 133 -8.39 -5.94 0.09
CA ALA A 133 -8.53 -5.14 1.29
C ALA A 133 -7.89 -5.79 2.51
N GLU A 134 -7.62 -7.09 2.46
CA GLU A 134 -6.96 -7.76 3.57
C GLU A 134 -5.44 -7.71 3.46
N ILE A 135 -4.89 -7.11 2.41
CA ILE A 135 -3.46 -6.81 2.37
C ILE A 135 -3.20 -5.44 3.00
N LEU A 136 -4.01 -4.44 2.63
CA LEU A 136 -3.90 -3.13 3.25
C LEU A 136 -4.27 -3.20 4.73
N GLY A 137 -5.27 -4.00 5.08
CA GLY A 137 -5.63 -4.16 6.48
C GLY A 137 -4.53 -4.79 7.31
N ALA A 138 -3.83 -5.77 6.73
CA ALA A 138 -2.73 -6.41 7.45
C ALA A 138 -1.50 -5.52 7.51
N LEU A 139 -1.28 -4.69 6.49
CA LEU A 139 -0.12 -3.80 6.50
C LEU A 139 -0.21 -2.79 7.63
N MET A 140 -1.41 -2.29 7.93
CA MET A 140 -1.57 -1.34 9.02
C MET A 140 -1.26 -1.98 10.37
N SER A 141 -1.51 -3.29 10.50
CA SER A 141 -1.18 -3.97 11.75
C SER A 141 0.33 -4.02 11.97
N VAL A 142 1.10 -4.27 10.91
CA VAL A 142 2.56 -4.33 11.03
C VAL A 142 3.12 -2.95 11.36
N ILE A 143 2.54 -1.90 10.78
CA ILE A 143 3.00 -0.55 11.06
C ILE A 143 2.85 -0.22 12.54
N THR A 144 1.79 -0.72 13.18
CA THR A 144 1.58 -0.46 14.60
C THR A 144 2.74 -0.98 15.44
N ILE A 145 3.32 -2.13 15.05
CA ILE A 145 4.43 -2.69 15.82
C ILE A 145 5.62 -1.73 15.82
N TRP A 146 5.92 -1.13 14.66
CA TRP A 146 7.03 -0.19 14.59
C TRP A 146 6.77 1.05 15.43
N LEU A 147 5.56 1.60 15.36
CA LEU A 147 5.24 2.80 16.12
C LEU A 147 5.22 2.53 17.62
N VAL A 148 4.63 1.41 18.03
CA VAL A 148 4.56 1.09 19.46
C VAL A 148 5.95 0.88 20.03
N THR A 149 6.81 0.15 19.31
CA THR A 149 8.16 -0.11 19.80
C THR A 149 8.95 1.19 19.93
N GLY A 150 8.81 2.09 18.96
CA GLY A 150 9.53 3.35 19.03
C GLY A 150 9.15 4.19 20.24
N VAL A 151 7.87 4.14 20.62
CA VAL A 151 7.42 4.86 21.80
C VAL A 151 8.07 4.30 23.06
N LEU A 152 8.09 2.98 23.19
CA LEU A 152 8.68 2.37 24.38
C LEU A 152 10.18 2.59 24.46
N VAL A 153 10.84 2.73 23.30
CA VAL A 153 12.27 3.07 23.31
C VAL A 153 12.48 4.45 23.90
N TYR A 154 11.62 5.41 23.54
CA TYR A 154 11.77 6.77 24.05
C TYR A 154 11.61 6.82 25.57
N LEU A 155 10.61 6.11 26.10
CA LEU A 155 10.44 6.06 27.55
C LEU A 155 11.61 5.37 28.23
N ALA A 156 12.10 4.27 27.63
CA ALA A 156 13.26 3.59 28.21
C ALA A 156 14.52 4.43 28.11
N CYS A 157 14.67 5.21 27.03
CA CYS A 157 15.84 6.07 26.89
C CYS A 157 15.84 7.16 27.95
N GLU A 158 14.68 7.70 28.28
CA GLU A 158 14.58 8.80 29.25
C GLU A 158 14.94 8.37 30.66
N ARG A 159 15.07 7.06 30.92
CA ARG A 159 15.44 6.61 32.26
C ARG A 159 16.83 7.06 32.65
N LEU A 160 17.71 7.28 31.66
CA LEU A 160 19.08 7.68 31.97
C LEU A 160 19.14 9.05 32.63
N ILE A 161 18.42 10.02 32.06
CA ILE A 161 18.49 11.38 32.59
C ILE A 161 17.78 11.48 33.94
N ARG A 162 16.74 10.69 34.16
CA ARG A 162 15.96 10.72 35.40
C ARG A 162 15.83 9.31 35.95
N PRO A 163 16.90 8.79 36.58
CA PRO A 163 16.82 7.45 37.17
C PRO A 163 15.86 7.42 38.34
N ASP A 164 15.26 6.24 38.54
CA ASP A 164 14.32 6.04 39.64
C ASP A 164 14.32 4.59 40.11
N THR A 170 7.53 -5.65 44.01
CA THR A 170 6.53 -6.70 43.91
C THR A 170 5.54 -6.40 42.79
N VAL A 171 5.28 -5.11 42.57
CA VAL A 171 4.36 -4.71 41.51
C VAL A 171 4.93 -5.05 40.14
N MET A 172 6.25 -4.95 39.97
CA MET A 172 6.87 -5.30 38.70
C MET A 172 6.71 -6.78 38.40
N LEU A 173 6.88 -7.63 39.42
CA LEU A 173 6.79 -9.08 39.20
C LEU A 173 5.38 -9.50 38.79
N ILE A 174 4.37 -8.98 39.48
CA ILE A 174 3.00 -9.40 39.19
C ILE A 174 2.54 -8.88 37.83
N THR A 175 2.96 -7.67 37.47
CA THR A 175 2.61 -7.13 36.15
C THR A 175 3.26 -7.94 35.04
N SER A 176 4.53 -8.31 35.22
CA SER A 176 5.22 -9.11 34.20
C SER A 176 4.59 -10.48 34.06
N ALA A 177 4.20 -11.10 35.18
CA ALA A 177 3.58 -12.43 35.12
C ALA A 177 2.26 -12.38 34.37
N CYS A 178 1.44 -11.37 34.63
CA CYS A 178 0.16 -11.26 33.92
C CYS A 178 0.37 -11.01 32.43
N ALA A 179 1.31 -10.12 32.08
CA ALA A 179 1.57 -9.85 30.68
C ALA A 179 2.15 -11.06 29.97
N LEU A 180 3.07 -11.78 30.61
CA LEU A 180 3.66 -12.96 30.01
C LEU A 180 2.68 -14.13 29.97
N GLY A 181 1.62 -14.09 30.77
CA GLY A 181 0.63 -15.15 30.78
C GLY A 181 -0.40 -14.98 29.68
N ALA A 182 -0.98 -13.79 29.58
CA ALA A 182 -1.99 -13.54 28.57
C ALA A 182 -1.42 -13.64 27.16
N ASN A 183 -0.24 -13.05 26.93
CA ASN A 183 0.37 -13.07 25.61
C ASN A 183 0.69 -14.49 25.17
N LEU A 184 1.21 -15.32 26.08
CA LEU A 184 1.58 -16.68 25.72
C LEU A 184 0.36 -17.53 25.37
N VAL A 185 -0.76 -17.28 26.04
CA VAL A 185 -1.98 -18.05 25.77
C VAL A 185 -2.49 -17.78 24.36
N LEU A 186 -2.51 -16.50 23.96
CA LEU A 186 -3.02 -16.16 22.63
C LEU A 186 -2.11 -16.66 21.51
N ALA A 187 -0.85 -16.94 21.82
CA ALA A 187 0.06 -17.48 20.81
C ALA A 187 -0.42 -18.85 20.33
N LEU A 188 -0.84 -19.71 21.26
CA LEU A 188 -1.29 -21.04 20.89
C LEU A 188 -2.66 -21.01 20.20
N ILE A 189 -3.52 -20.08 20.61
CA ILE A 189 -4.86 -20.00 20.04
C ILE A 189 -4.79 -19.65 18.55
N LEU A 190 -3.98 -18.65 18.21
CA LEU A 190 -3.82 -18.28 16.79
C LEU A 190 -3.16 -19.40 16.00
N HIS A 191 -2.15 -20.04 16.58
CA HIS A 191 -1.48 -21.14 15.91
C HIS A 191 -0.97 -22.17 16.90
N LYS A 212 0.59 -27.45 -0.37
CA LYS A 212 -0.34 -26.84 0.59
C LYS A 212 -0.40 -25.33 0.40
N PRO A 213 -1.59 -24.76 0.58
CA PRO A 213 -1.76 -23.32 0.38
C PRO A 213 -0.96 -22.51 1.39
N GLN A 214 -0.54 -21.32 0.95
CA GLN A 214 0.20 -20.42 1.81
C GLN A 214 -0.71 -19.86 2.91
N THR A 215 -0.08 -19.50 4.03
CA THR A 215 -0.82 -19.03 5.19
C THR A 215 -1.56 -17.73 4.89
N ASN A 216 -2.67 -17.52 5.60
CA ASN A 216 -3.50 -16.35 5.37
C ASN A 216 -2.73 -15.07 5.65
N ALA A 217 -3.02 -14.03 4.86
CA ALA A 217 -2.33 -12.75 5.01
C ALA A 217 -2.73 -12.00 6.28
N SER A 218 -3.82 -12.40 6.94
CA SER A 218 -4.28 -11.75 8.16
C SER A 218 -3.86 -12.50 9.41
N ILE A 219 -3.89 -13.83 9.39
CA ILE A 219 -3.38 -14.61 10.50
C ILE A 219 -1.87 -14.43 10.63
N ARG A 220 -1.17 -14.32 9.51
CA ARG A 220 0.27 -14.09 9.52
C ARG A 220 0.64 -12.71 10.04
N ALA A 221 -0.32 -11.80 10.19
CA ALA A 221 -0.07 -10.49 10.76
C ALA A 221 -0.50 -10.39 12.21
N ALA A 222 -1.66 -10.96 12.56
CA ALA A 222 -2.10 -10.96 13.96
C ALA A 222 -1.16 -11.79 14.83
N PHE A 223 -0.71 -12.94 14.32
CA PHE A 223 0.22 -13.77 15.10
C PHE A 223 1.52 -13.03 15.38
N ILE A 224 2.05 -12.30 14.39
CA ILE A 224 3.29 -11.55 14.59
C ILE A 224 3.08 -10.46 15.63
N HIS A 225 1.89 -9.84 15.63
CA HIS A 225 1.60 -8.82 16.62
C HIS A 225 1.59 -9.39 18.04
N VAL A 226 0.94 -10.55 18.21
CA VAL A 226 0.86 -11.16 19.54
C VAL A 226 2.23 -11.67 19.98
N ILE A 227 2.91 -12.41 19.10
CA ILE A 227 4.19 -12.99 19.48
C ILE A 227 5.33 -11.99 19.40
N GLY A 228 5.14 -10.87 18.69
CA GLY A 228 6.15 -9.83 18.68
C GLY A 228 6.29 -9.13 20.01
N ASP A 229 5.16 -8.86 20.68
CA ASP A 229 5.18 -8.16 21.94
C ASP A 229 5.41 -9.08 23.14
N LEU A 230 5.51 -10.39 22.92
CA LEU A 230 5.89 -11.28 24.00
C LEU A 230 7.32 -11.03 24.45
N PHE A 231 8.18 -10.60 23.52
CA PHE A 231 9.58 -10.32 23.88
C PHE A 231 9.69 -9.12 24.81
N GLN A 232 8.83 -8.12 24.65
CA GLN A 232 8.83 -7.00 25.59
C GLN A 232 8.49 -7.46 27.00
N SER A 233 7.51 -8.36 27.12
CA SER A 233 7.19 -8.90 28.44
C SER A 233 8.32 -9.73 29.00
N ILE A 234 9.13 -10.35 28.13
CA ILE A 234 10.31 -11.07 28.59
C ILE A 234 11.35 -10.09 29.15
N SER A 235 11.52 -8.94 28.47
CA SER A 235 12.55 -7.99 28.88
C SER A 235 12.26 -7.41 30.27
N VAL A 236 11.00 -7.04 30.53
CA VAL A 236 10.67 -6.45 31.81
C VAL A 236 10.83 -7.47 32.94
N LEU A 237 10.52 -8.74 32.66
CA LEU A 237 10.69 -9.77 33.67
C LEU A 237 12.16 -9.94 34.05
N ILE A 238 13.05 -9.93 33.06
CA ILE A 238 14.48 -10.06 33.34
C ILE A 238 14.98 -8.83 34.12
N SER A 239 14.57 -7.64 33.70
CA SER A 239 15.01 -6.43 34.39
C SER A 239 14.52 -6.38 35.82
N ALA A 240 13.25 -6.72 36.04
CA ALA A 240 12.71 -6.70 37.40
C ALA A 240 13.37 -7.74 38.29
N LEU A 241 13.63 -8.94 37.75
CA LEU A 241 14.22 -10.00 38.55
C LEU A 241 15.64 -9.65 39.00
N ILE A 242 16.43 -9.07 38.10
CA ILE A 242 17.80 -8.69 38.44
C ILE A 242 17.80 -7.57 39.47
N ILE A 243 16.94 -6.57 39.28
CA ILE A 243 16.89 -5.44 40.22
C ILE A 243 16.44 -5.91 41.60
N TYR A 244 15.43 -6.78 41.65
CA TYR A 244 14.90 -7.24 42.93
C TYR A 244 15.95 -7.98 43.74
N PHE A 245 16.87 -8.68 43.08
CA PHE A 245 17.94 -9.38 43.78
C PHE A 245 19.17 -8.51 43.99
N LYS A 246 19.52 -7.67 43.01
CA LYS A 246 20.63 -6.74 43.12
C LYS A 246 20.13 -5.32 43.00
N PRO A 247 19.94 -4.61 44.11
CA PRO A 247 19.46 -3.22 44.02
C PRO A 247 20.41 -2.31 43.24
N GLU A 248 21.70 -2.55 43.31
CA GLU A 248 22.66 -1.74 42.58
C GLU A 248 22.64 -2.10 41.10
N TYR A 249 23.53 -1.46 40.33
CA TYR A 249 23.62 -1.67 38.88
C TYR A 249 22.27 -1.41 38.21
N LYS A 250 21.65 -0.29 38.58
CA LYS A 250 20.36 0.08 38.00
C LYS A 250 20.44 0.43 36.52
N MET A 251 21.65 0.61 35.98
CA MET A 251 21.81 0.91 34.57
C MET A 251 21.47 -0.28 33.68
N ALA A 252 21.30 -1.48 34.26
CA ALA A 252 20.94 -2.63 33.44
C ALA A 252 19.51 -2.55 32.92
N ASP A 253 18.61 -1.91 33.67
CA ASP A 253 17.23 -1.79 33.22
C ASP A 253 17.09 -0.98 31.93
N PRO A 254 17.68 0.22 31.81
CA PRO A 254 17.57 0.93 30.51
C PRO A 254 18.17 0.16 29.35
N ILE A 255 19.27 -0.55 29.56
CA ILE A 255 19.91 -1.30 28.46
C ILE A 255 19.25 -2.64 28.21
N CYS A 256 18.44 -3.13 29.15
CA CYS A 256 17.74 -4.39 28.95
C CYS A 256 16.75 -4.29 27.79
N THR A 257 16.04 -3.16 27.70
CA THR A 257 15.08 -2.97 26.61
C THR A 257 15.79 -2.92 25.26
N PHE A 258 16.93 -2.22 25.19
CA PHE A 258 17.62 -2.06 23.91
C PHE A 258 18.06 -3.40 23.33
N ILE A 259 18.58 -4.30 24.17
CA ILE A 259 19.03 -5.59 23.67
C ILE A 259 17.86 -6.46 23.24
N PHE A 260 16.63 -6.13 23.66
CA PHE A 260 15.46 -6.90 23.28
C PHE A 260 14.48 -6.16 22.39
N SER A 261 14.63 -4.85 22.24
CA SER A 261 13.77 -4.12 21.32
C SER A 261 14.13 -4.40 19.87
N ILE A 262 15.37 -4.79 19.61
CA ILE A 262 15.78 -5.09 18.24
C ILE A 262 15.11 -6.36 17.73
N PHE A 263 14.96 -7.36 18.60
CA PHE A 263 14.42 -8.64 18.16
C PHE A 263 12.99 -8.52 17.64
N VAL A 264 12.22 -7.56 18.16
CA VAL A 264 10.89 -7.32 17.63
C VAL A 264 10.97 -6.76 16.21
N LEU A 265 11.99 -5.96 15.93
CA LEU A 265 12.17 -5.36 14.62
C LEU A 265 12.79 -6.31 13.61
N ILE A 266 13.25 -7.48 14.04
CA ILE A 266 13.84 -8.47 13.14
C ILE A 266 12.81 -9.50 12.69
N THR A 267 11.96 -9.96 13.61
CA THR A 267 10.96 -10.98 13.28
C THR A 267 9.85 -10.45 12.37
N THR A 268 9.77 -9.13 12.17
CA THR A 268 8.75 -8.53 11.32
C THR A 268 9.29 -8.14 9.95
N VAL A 269 10.47 -8.63 9.58
CA VAL A 269 11.06 -8.30 8.28
C VAL A 269 10.60 -9.27 7.20
N THR A 270 10.54 -10.56 7.52
CA THR A 270 10.08 -11.54 6.54
C THR A 270 8.59 -11.42 6.26
N VAL A 271 7.84 -10.69 7.09
CA VAL A 271 6.44 -10.44 6.81
C VAL A 271 6.28 -9.22 5.90
N LEU A 272 7.07 -8.17 6.14
CA LEU A 272 6.96 -6.97 5.32
C LEU A 272 7.36 -7.24 3.87
N ARG A 273 8.43 -7.99 3.65
CA ARG A 273 8.86 -8.28 2.29
C ARG A 273 7.84 -9.16 1.57
N ASP A 274 7.33 -10.19 2.24
CA ASP A 274 6.36 -11.08 1.62
C ASP A 274 5.01 -10.41 1.40
N LEU A 275 4.77 -9.26 2.01
CA LEU A 275 3.52 -8.53 1.85
C LEU A 275 3.65 -7.28 0.99
N LEU A 276 4.86 -6.78 0.78
CA LEU A 276 5.07 -5.59 -0.03
C LEU A 276 5.16 -5.89 -1.52
N THR A 277 5.75 -7.04 -1.89
CA THR A 277 5.83 -7.39 -3.30
C THR A 277 4.47 -7.70 -3.89
N VAL A 278 3.49 -8.06 -3.07
CA VAL A 278 2.12 -8.22 -3.56
C VAL A 278 1.53 -6.87 -3.92
N LEU A 279 1.81 -5.84 -3.12
CA LEU A 279 1.23 -4.53 -3.35
C LEU A 279 1.81 -3.84 -4.59
N MET A 280 2.99 -4.25 -5.04
CA MET A 280 3.55 -3.77 -6.31
C MET A 280 3.49 -4.86 -7.38
N GLU A 281 2.49 -5.74 -7.29
CA GLU A 281 2.19 -6.81 -8.23
C GLU A 281 3.45 -7.54 -8.70
N GLY A 282 4.14 -8.13 -7.73
CA GLY A 282 5.24 -9.04 -8.01
C GLY A 282 4.79 -10.49 -7.95
N THR A 283 5.69 -11.37 -8.37
CA THR A 283 5.38 -12.79 -8.37
C THR A 283 5.30 -13.30 -6.93
N PRO A 284 4.21 -13.94 -6.52
CA PRO A 284 4.10 -14.40 -5.13
C PRO A 284 4.88 -15.69 -4.90
N ARG A 285 5.09 -15.98 -3.62
CA ARG A 285 5.72 -17.23 -3.24
C ARG A 285 4.83 -18.42 -3.58
N GLY A 286 5.46 -19.54 -3.91
CA GLY A 286 4.77 -20.76 -4.24
C GLY A 286 4.65 -21.04 -5.72
N ILE A 287 4.89 -20.04 -6.57
CA ILE A 287 4.87 -20.23 -8.01
C ILE A 287 6.17 -19.65 -8.59
N HIS A 288 6.56 -20.17 -9.75
CA HIS A 288 7.82 -19.80 -10.39
C HIS A 288 7.55 -19.40 -11.83
N TYR A 289 8.25 -18.35 -12.27
CA TYR A 289 8.11 -17.88 -13.65
C TYR A 289 8.57 -18.94 -14.64
N SER A 290 9.67 -19.62 -14.34
CA SER A 290 10.22 -20.59 -15.28
C SER A 290 9.33 -21.81 -15.41
N ASP A 291 8.73 -22.26 -14.30
CA ASP A 291 7.88 -23.43 -14.35
C ASP A 291 6.64 -23.20 -15.20
N VAL A 292 6.02 -22.03 -15.07
CA VAL A 292 4.80 -21.73 -15.82
C VAL A 292 5.12 -21.62 -17.31
N LYS A 293 6.27 -21.04 -17.65
CA LYS A 293 6.64 -20.88 -19.05
C LYS A 293 6.84 -22.23 -19.72
N GLN A 294 7.36 -23.22 -18.98
CA GLN A 294 7.56 -24.54 -19.55
C GLN A 294 6.25 -25.27 -19.76
N SER A 295 5.25 -25.03 -18.91
CA SER A 295 3.96 -25.69 -19.04
C SER A 295 3.26 -25.29 -20.34
N ILE A 296 3.31 -24.01 -20.69
CA ILE A 296 2.67 -23.54 -21.92
C ILE A 296 3.32 -24.17 -23.14
N LEU A 297 4.64 -24.21 -23.16
CA LEU A 297 5.38 -24.69 -24.33
C LEU A 297 5.18 -26.17 -24.60
N ALA A 298 4.59 -26.92 -23.66
CA ALA A 298 4.36 -28.34 -23.90
C ALA A 298 3.37 -28.57 -25.03
N VAL A 299 2.51 -27.61 -25.34
CA VAL A 299 1.57 -27.75 -26.45
C VAL A 299 2.33 -27.73 -27.77
N ASP A 300 1.87 -28.54 -28.72
CA ASP A 300 2.55 -28.61 -30.02
C ASP A 300 2.38 -27.32 -30.81
N GLY A 301 1.19 -26.70 -30.74
CA GLY A 301 0.92 -25.53 -31.56
C GLY A 301 1.77 -24.33 -31.17
N VAL A 302 1.92 -24.07 -29.88
CA VAL A 302 2.61 -22.87 -29.43
C VAL A 302 4.08 -22.91 -29.84
N LYS A 303 4.62 -21.75 -30.19
CA LYS A 303 6.02 -21.61 -30.60
C LYS A 303 6.83 -20.74 -29.69
N SER A 304 6.30 -19.61 -29.24
CA SER A 304 7.02 -18.70 -28.37
C SER A 304 6.04 -17.90 -27.54
N VAL A 305 6.47 -17.53 -26.33
CA VAL A 305 5.67 -16.72 -25.42
C VAL A 305 6.46 -15.46 -25.09
N HIS A 306 5.81 -14.30 -25.19
CA HIS A 306 6.44 -13.04 -24.85
C HIS A 306 5.48 -12.20 -24.03
N SER A 307 6.06 -11.30 -23.23
CA SER A 307 5.31 -10.41 -22.34
C SER A 307 4.43 -11.19 -21.39
N LEU A 308 5.00 -12.22 -20.77
CA LEU A 308 4.32 -12.95 -19.71
C LEU A 308 4.10 -12.03 -18.52
N HIS A 309 3.02 -12.26 -17.78
CA HIS A 309 2.68 -11.39 -16.66
C HIS A 309 2.01 -12.22 -15.57
N LEU A 310 2.66 -12.31 -14.42
CA LEU A 310 2.09 -12.93 -13.23
C LEU A 310 2.04 -11.91 -12.10
N TRP A 311 0.92 -11.86 -11.40
CA TRP A 311 0.81 -11.02 -10.22
C TRP A 311 -0.27 -11.61 -9.32
N ALA A 312 -0.14 -11.34 -8.03
CA ALA A 312 -1.03 -11.93 -7.03
C ALA A 312 -2.00 -10.86 -6.54
N LEU A 313 -3.30 -11.13 -6.72
CA LEU A 313 -4.30 -10.21 -6.21
C LEU A 313 -4.32 -10.24 -4.69
N THR A 314 -4.25 -11.42 -4.11
CA THR A 314 -3.98 -11.59 -2.68
C THR A 314 -2.93 -12.67 -2.52
N MET A 315 -2.67 -13.12 -1.28
CA MET A 315 -1.53 -14.00 -1.05
C MET A 315 -1.70 -15.35 -1.73
N ASN A 316 -2.91 -15.90 -1.74
CA ASN A 316 -3.16 -17.23 -2.30
C ASN A 316 -4.11 -17.18 -3.49
N GLN A 317 -4.06 -16.11 -4.28
CA GLN A 317 -4.78 -16.02 -5.54
C GLN A 317 -3.86 -15.38 -6.57
N VAL A 318 -3.70 -16.04 -7.71
CA VAL A 318 -2.77 -15.59 -8.74
C VAL A 318 -3.52 -15.44 -10.06
N ILE A 319 -3.00 -14.57 -10.92
CA ILE A 319 -3.60 -14.27 -12.21
C ILE A 319 -2.51 -14.38 -13.28
N LEU A 320 -2.90 -14.79 -14.48
CA LEU A 320 -1.97 -15.01 -15.58
C LEU A 320 -2.41 -14.20 -16.79
N SER A 321 -1.42 -13.72 -17.56
CA SER A 321 -1.68 -13.02 -18.81
C SER A 321 -0.45 -13.16 -19.69
N ALA A 322 -0.66 -13.52 -20.95
CA ALA A 322 0.46 -13.83 -21.83
C ALA A 322 0.06 -13.63 -23.28
N HIS A 323 1.05 -13.71 -24.16
CA HIS A 323 0.85 -13.79 -25.60
C HIS A 323 1.38 -15.13 -26.09
N ILE A 324 0.75 -15.66 -27.12
CA ILE A 324 1.13 -16.95 -27.68
C ILE A 324 1.25 -16.80 -29.18
N ALA A 325 2.36 -17.28 -29.75
CA ALA A 325 2.59 -17.26 -31.19
C ALA A 325 2.53 -18.67 -31.72
N THR A 326 1.76 -18.87 -32.79
CA THR A 326 1.58 -20.18 -33.41
C THR A 326 1.95 -20.11 -34.89
N ASP A 327 2.48 -21.23 -35.41
CA ASP A 327 2.88 -21.27 -36.81
C ASP A 327 1.67 -21.31 -37.73
N ILE A 328 0.68 -22.13 -37.40
CA ILE A 328 -0.51 -22.25 -38.24
C ILE A 328 -1.45 -21.09 -37.96
N VAL A 329 -1.81 -20.35 -39.00
CA VAL A 329 -2.71 -19.21 -38.83
C VAL A 329 -4.11 -19.68 -38.47
N GLY A 330 -4.55 -20.81 -39.05
CA GLY A 330 -5.84 -21.35 -38.76
C GLY A 330 -5.82 -22.33 -37.60
N GLU A 331 -6.99 -22.92 -37.34
CA GLU A 331 -7.19 -23.89 -36.26
C GLU A 331 -6.77 -23.31 -34.91
N SER A 332 -7.07 -22.04 -34.69
CA SER A 332 -6.73 -21.38 -33.44
C SER A 332 -7.71 -21.72 -32.32
N LYS A 333 -8.90 -22.23 -32.65
CA LYS A 333 -9.86 -22.60 -31.62
C LYS A 333 -9.36 -23.77 -30.78
N ARG A 334 -8.73 -24.75 -31.43
CA ARG A 334 -8.24 -25.93 -30.70
C ARG A 334 -7.12 -25.57 -29.74
N ILE A 335 -6.26 -24.62 -30.11
CA ILE A 335 -5.10 -24.29 -29.28
C ILE A 335 -5.55 -23.72 -27.94
N LEU A 336 -6.59 -22.88 -27.95
CA LEU A 336 -7.04 -22.24 -26.71
C LEU A 336 -7.52 -23.27 -25.70
N LYS A 337 -8.26 -24.29 -26.14
CA LYS A 337 -8.75 -25.30 -25.22
C LYS A 337 -7.60 -26.10 -24.60
N ASP A 338 -6.60 -26.45 -25.40
CA ASP A 338 -5.49 -27.25 -24.89
C ASP A 338 -4.61 -26.46 -23.93
N VAL A 339 -4.29 -25.21 -24.28
CA VAL A 339 -3.39 -24.41 -23.45
C VAL A 339 -4.04 -24.08 -22.11
N THR A 340 -5.31 -23.68 -22.12
CA THR A 340 -5.98 -23.34 -20.88
C THR A 340 -6.12 -24.55 -19.96
N GLN A 341 -6.40 -25.73 -20.53
CA GLN A 341 -6.47 -26.94 -19.72
C GLN A 341 -5.11 -27.30 -19.14
N ASN A 342 -4.05 -27.13 -19.94
CA ASN A 342 -2.71 -27.50 -19.47
C ASN A 342 -2.21 -26.51 -18.42
N VAL A 343 -2.56 -25.24 -18.54
CA VAL A 343 -2.12 -24.23 -17.58
C VAL A 343 -2.75 -24.49 -16.21
N PHE A 344 -4.03 -24.84 -16.19
CA PHE A 344 -4.75 -25.05 -14.94
C PHE A 344 -4.34 -26.33 -14.22
N ALA A 345 -3.57 -27.21 -14.87
CA ALA A 345 -3.16 -28.48 -14.28
C ALA A 345 -1.88 -28.37 -13.48
N ARG A 346 -1.50 -27.16 -13.04
CA ARG A 346 -0.30 -26.98 -12.23
C ARG A 346 -0.61 -26.17 -10.98
N PHE A 347 -1.60 -25.28 -11.07
CA PHE A 347 -1.95 -24.39 -9.97
C PHE A 347 -3.36 -23.91 -10.18
N PRO A 348 -4.16 -23.74 -9.13
CA PRO A 348 -5.51 -23.17 -9.29
C PRO A 348 -5.44 -21.66 -9.45
N PHE A 349 -5.67 -21.19 -10.67
CA PHE A 349 -5.57 -19.78 -10.99
C PHE A 349 -6.90 -19.09 -10.74
N HIS A 350 -6.83 -17.82 -10.30
CA HIS A 350 -8.03 -17.03 -10.16
C HIS A 350 -8.65 -16.72 -11.52
N SER A 351 -7.82 -16.38 -12.50
CA SER A 351 -8.28 -16.16 -13.87
C SER A 351 -7.07 -16.22 -14.79
N VAL A 352 -7.35 -16.37 -16.09
CA VAL A 352 -6.29 -16.47 -17.10
C VAL A 352 -6.82 -15.88 -18.40
N THR A 353 -5.98 -15.09 -19.06
CA THR A 353 -6.30 -14.45 -20.33
C THR A 353 -5.14 -14.66 -21.29
N ILE A 354 -5.38 -15.40 -22.37
CA ILE A 354 -4.33 -15.80 -23.30
C ILE A 354 -4.72 -15.35 -24.70
N GLN A 355 -3.88 -14.52 -25.32
CA GLN A 355 -4.08 -14.07 -26.69
C GLN A 355 -3.29 -14.97 -27.63
N VAL A 356 -3.72 -14.98 -28.89
CA VAL A 356 -3.06 -15.74 -29.94
C VAL A 356 -2.67 -14.78 -31.06
N GLU A 357 -1.40 -14.87 -31.49
CA GLU A 357 -0.87 -14.01 -32.54
C GLU A 357 -0.27 -14.88 -33.65
N PRO A 358 -0.48 -14.52 -34.90
CA PRO A 358 0.14 -15.28 -36.00
C PRO A 358 1.64 -15.13 -36.00
N ILE A 359 2.31 -16.13 -36.58
CA ILE A 359 3.77 -16.16 -36.58
C ILE A 359 4.35 -14.99 -37.37
N GLU A 360 3.61 -14.49 -38.37
CA GLU A 360 4.11 -13.38 -39.18
C GLU A 360 4.26 -12.11 -38.35
N ASP A 361 3.32 -11.87 -37.44
CA ASP A 361 3.31 -10.63 -36.66
C ASP A 361 4.49 -10.53 -35.70
N GLN A 362 5.22 -11.62 -35.45
CA GLN A 362 6.37 -11.56 -34.58
C GLN A 362 7.49 -10.75 -35.24
N SER A 363 8.22 -10.00 -34.41
CA SER A 363 9.29 -9.14 -34.89
C SER A 363 10.65 -9.68 -34.45
N PRO A 364 11.72 -9.41 -35.21
CA PRO A 364 13.05 -9.90 -34.81
C PRO A 364 13.50 -9.40 -33.44
N GLU A 365 13.19 -8.14 -33.12
CA GLU A 365 13.59 -7.59 -31.83
C GLU A 365 12.71 -6.38 -31.51
N CYS A 366 12.44 -6.20 -30.23
CA CYS A 366 11.65 -5.07 -29.76
C CYS A 366 12.12 -4.70 -28.36
N MET A 367 11.79 -3.47 -27.95
CA MET A 367 12.07 -3.04 -26.59
C MET A 367 11.05 -3.56 -25.59
N PHE A 368 9.94 -4.14 -26.06
CA PHE A 368 8.91 -4.69 -25.20
C PHE A 368 8.89 -6.21 -25.18
N CYS A 369 9.26 -6.86 -26.28
CA CYS A 369 9.22 -8.32 -26.33
C CYS A 369 10.21 -8.93 -25.35
N TYR A 370 11.40 -8.35 -25.23
CA TYR A 370 12.42 -8.86 -24.32
C TYR A 370 12.10 -8.52 -22.87
N LYS B 43 2.48 -6.16 -41.70
CA LYS B 43 3.25 -6.42 -40.49
C LYS B 43 2.81 -5.51 -39.35
N TYR B 44 1.63 -5.79 -38.80
CA TYR B 44 1.08 -5.00 -37.70
C TYR B 44 1.47 -5.67 -36.38
N HIS B 45 2.64 -5.30 -35.86
CA HIS B 45 3.07 -5.80 -34.56
C HIS B 45 2.20 -5.20 -33.46
N CYS B 46 1.92 -6.00 -32.44
CA CYS B 46 1.03 -5.56 -31.37
C CYS B 46 1.66 -4.51 -30.46
N HIS B 47 2.96 -4.25 -30.60
CA HIS B 47 3.65 -3.26 -29.80
C HIS B 47 3.72 -1.88 -30.47
N ASN B 48 3.09 -1.72 -31.64
CA ASN B 48 3.25 -0.48 -32.39
C ASN B 48 2.72 0.73 -31.62
N ASN B 49 1.57 0.60 -30.99
CA ASN B 49 0.93 1.73 -30.32
C ASN B 49 1.36 1.91 -28.88
N ASN B 50 2.18 1.00 -28.35
CA ASN B 50 2.63 1.13 -26.96
C ASN B 50 3.67 2.23 -26.78
N LYS B 51 4.25 2.76 -27.87
CA LYS B 51 5.22 3.83 -27.75
C LYS B 51 4.58 5.16 -27.39
N LYS B 52 3.27 5.31 -27.58
CA LYS B 52 2.60 6.56 -27.22
C LYS B 52 2.65 6.79 -25.72
N ALA B 53 2.46 5.74 -24.93
CA ALA B 53 2.51 5.83 -23.48
C ALA B 53 3.90 5.57 -22.92
N TYR B 54 4.90 5.40 -23.79
CA TYR B 54 6.29 5.20 -23.36
C TYR B 54 7.08 6.50 -23.35
N ASP B 55 6.97 7.31 -24.41
CA ASP B 55 7.67 8.59 -24.43
C ASP B 55 7.04 9.60 -23.50
N ALA B 56 5.71 9.57 -23.38
CA ALA B 56 5.04 10.51 -22.49
C ALA B 56 5.44 10.28 -21.04
N ARG B 57 5.59 9.01 -20.64
CA ARG B 57 6.05 8.71 -19.29
C ARG B 57 7.48 9.16 -19.08
N GLN B 58 8.33 9.01 -20.10
CA GLN B 58 9.74 9.35 -19.96
C GLN B 58 9.93 10.83 -19.66
N ARG B 59 9.18 11.70 -20.32
CA ARG B 59 9.29 13.13 -20.06
C ARG B 59 8.82 13.48 -18.66
N GLU B 60 7.79 12.81 -18.16
CA GLU B 60 7.22 13.17 -16.87
C GLU B 60 8.19 12.94 -15.72
N GLN B 61 8.97 11.84 -15.79
CA GLN B 61 9.90 11.58 -14.69
C GLN B 61 11.12 12.49 -14.75
N THR B 62 11.56 12.88 -15.96
CA THR B 62 12.65 13.84 -16.06
C THR B 62 12.22 15.23 -15.61
N PHE B 63 11.01 15.65 -16.00
CA PHE B 63 10.50 16.94 -15.58
C PHE B 63 10.27 16.98 -14.07
N ALA B 64 9.77 15.88 -13.49
CA ALA B 64 9.54 15.83 -12.05
C ALA B 64 10.85 15.91 -11.27
N LYS B 65 11.90 15.24 -11.76
CA LYS B 65 13.18 15.27 -11.07
C LYS B 65 13.82 16.66 -11.11
N LYS B 66 13.39 17.52 -12.03
CA LYS B 66 13.98 18.86 -12.10
C LYS B 66 13.48 19.75 -10.97
N LYS B 67 12.19 19.66 -10.63
CA LYS B 67 11.62 20.56 -9.64
C LYS B 67 12.05 20.19 -8.22
N LEU B 68 12.07 18.90 -7.90
CA LEU B 68 12.44 18.48 -6.55
C LEU B 68 13.88 18.86 -6.23
N CYS B 69 14.79 18.69 -7.19
CA CYS B 69 16.18 19.08 -6.96
C CYS B 69 16.29 20.59 -6.71
N ILE B 70 15.54 21.38 -7.48
CA ILE B 70 15.51 22.83 -7.25
C ILE B 70 14.92 23.13 -5.87
N ALA B 71 13.81 22.46 -5.52
CA ALA B 71 13.18 22.72 -4.23
C ALA B 71 14.08 22.28 -3.08
N SER B 72 14.78 21.16 -3.24
CA SER B 72 15.67 20.69 -2.16
C SER B 72 16.79 21.69 -1.90
N LEU B 73 17.39 22.23 -2.96
CA LEU B 73 18.45 23.23 -2.78
C LEU B 73 17.89 24.51 -2.16
N ILE B 74 16.71 24.95 -2.61
CA ILE B 74 16.10 26.15 -2.05
C ILE B 74 15.78 25.94 -0.58
N CYS B 75 15.26 24.76 -0.23
CA CYS B 75 15.01 24.44 1.17
C CYS B 75 16.31 24.42 1.96
N PHE B 76 17.38 23.90 1.35
CA PHE B 76 18.68 23.82 2.04
C PHE B 76 19.23 25.20 2.36
N VAL B 77 19.00 26.19 1.48
CA VAL B 77 19.47 27.54 1.74
C VAL B 77 18.82 28.10 2.99
N PHE B 78 17.50 27.91 3.14
CA PHE B 78 16.81 28.41 4.32
C PHE B 78 17.18 27.64 5.58
N ILE B 79 17.73 26.43 5.44
CA ILE B 79 18.21 25.70 6.61
C ILE B 79 19.38 26.44 7.25
N SER B 80 20.30 26.96 6.43
CA SER B 80 21.45 27.69 6.94
C SER B 80 21.04 29.01 7.60
N ALA B 81 19.87 29.55 7.28
CA ALA B 81 19.41 30.77 7.91
C ALA B 81 19.21 30.57 9.41
N GLU B 82 18.67 29.42 9.81
CA GLU B 82 18.48 29.13 11.22
C GLU B 82 19.82 29.04 11.94
N ILE B 83 20.82 28.41 11.31
CA ILE B 83 22.14 28.29 11.91
C ILE B 83 22.76 29.67 12.11
N VAL B 84 22.62 30.55 11.11
CA VAL B 84 23.13 31.91 11.22
C VAL B 84 22.44 32.64 12.36
N GLY B 85 21.11 32.49 12.47
CA GLY B 85 20.39 33.11 13.56
C GLY B 85 20.63 32.46 14.91
N GLY B 86 21.14 31.23 14.93
CA GLY B 86 21.43 30.58 16.19
C GLY B 86 22.53 31.26 16.96
N TYR B 87 23.56 31.75 16.26
CA TYR B 87 24.65 32.45 16.93
C TYR B 87 24.16 33.74 17.59
N ILE B 88 23.29 34.47 16.91
CA ILE B 88 22.74 35.70 17.46
C ILE B 88 21.46 35.41 18.23
N LEU B 92 15.65 33.08 21.24
CA LEU B 92 16.53 33.62 20.21
C LEU B 92 17.32 32.51 19.54
N ALA B 93 18.26 31.92 20.29
CA ALA B 93 19.10 30.87 19.74
C ALA B 93 18.28 29.63 19.39
N VAL B 94 17.33 29.25 20.25
CA VAL B 94 16.52 28.06 20.03
C VAL B 94 15.28 28.45 19.24
N VAL B 95 15.07 27.80 18.09
CA VAL B 95 13.92 28.04 17.23
C VAL B 95 13.38 26.68 16.79
N THR B 96 12.05 26.57 16.77
CA THR B 96 11.37 25.33 16.40
C THR B 96 11.20 25.16 14.89
N ASP B 97 11.65 26.13 14.09
CA ASP B 97 11.49 26.02 12.64
C ASP B 97 12.31 24.87 12.07
N ALA B 98 13.33 24.41 12.80
CA ALA B 98 14.16 23.32 12.30
C ALA B 98 13.36 22.03 12.14
N ALA B 99 12.45 21.76 13.08
CA ALA B 99 11.66 20.53 13.02
C ALA B 99 10.78 20.51 11.78
N HIS B 100 10.10 21.62 11.48
CA HIS B 100 9.26 21.67 10.29
C HIS B 100 10.09 21.58 9.01
N LEU B 101 11.24 22.25 8.98
CA LEU B 101 12.06 22.25 7.77
C LEU B 101 12.79 20.92 7.57
N LEU B 102 13.08 20.20 8.66
CA LEU B 102 13.80 18.94 8.53
C LEU B 102 12.94 17.87 7.86
N VAL B 103 11.68 17.76 8.29
CA VAL B 103 10.80 16.75 7.68
C VAL B 103 10.47 17.11 6.24
N ASP B 104 10.34 18.42 5.94
CA ASP B 104 10.09 18.82 4.57
C ASP B 104 11.24 18.41 3.65
N LEU B 105 12.48 18.63 4.09
CA LEU B 105 13.63 18.16 3.31
C LEU B 105 13.69 16.63 3.27
N SER B 106 13.36 15.99 4.40
CA SER B 106 13.32 14.53 4.42
C SER B 106 12.25 13.99 3.49
N SER B 107 11.08 14.63 3.45
CA SER B 107 10.02 14.22 2.55
C SER B 107 10.38 14.43 1.08
N PHE B 108 11.38 15.28 0.81
CA PHE B 108 11.84 15.52 -0.56
C PHE B 108 12.98 14.59 -0.96
N PHE B 109 13.41 13.70 -0.06
CA PHE B 109 14.40 12.69 -0.41
C PHE B 109 13.78 11.33 -0.71
N ILE B 110 12.64 11.02 -0.10
CA ILE B 110 11.94 9.79 -0.42
C ILE B 110 11.46 9.81 -1.87
N SER B 111 10.88 10.93 -2.29
CA SER B 111 10.33 11.03 -3.64
C SER B 111 11.44 10.95 -4.69
N LEU B 112 12.57 11.62 -4.44
CA LEU B 112 13.70 11.49 -5.35
C LEU B 112 14.26 10.07 -5.36
N CYS B 113 14.28 9.42 -4.19
CA CYS B 113 14.72 8.04 -4.13
C CYS B 113 13.82 7.12 -4.93
N SER B 114 12.50 7.30 -4.80
CA SER B 114 11.57 6.47 -5.55
C SER B 114 11.67 6.72 -7.05
N LEU B 115 11.85 7.99 -7.46
CA LEU B 115 12.03 8.29 -8.87
C LEU B 115 13.36 7.76 -9.39
N TRP B 116 14.41 7.78 -8.56
CA TRP B 116 15.66 7.14 -8.93
C TRP B 116 15.49 5.63 -9.02
N LEU B 117 14.72 5.05 -8.10
CA LEU B 117 14.54 3.60 -8.06
C LEU B 117 13.62 3.10 -9.15
N SER B 118 12.66 3.91 -9.59
CA SER B 118 11.66 3.48 -10.57
C SER B 118 12.27 3.21 -11.94
N SER B 119 13.50 3.61 -12.18
CA SER B 119 14.13 3.45 -13.49
C SER B 119 14.75 2.07 -13.69
N LYS B 120 14.70 1.19 -12.69
CA LYS B 120 15.32 -0.12 -12.82
C LYS B 120 14.59 -0.98 -13.84
N SER B 121 15.30 -1.97 -14.35
CA SER B 121 14.76 -2.85 -15.39
C SER B 121 13.78 -3.86 -14.81
N SER B 122 12.92 -4.38 -15.67
CA SER B 122 12.02 -5.45 -15.29
C SER B 122 12.78 -6.75 -15.10
N THR B 123 12.35 -7.56 -14.14
CA THR B 123 13.06 -8.78 -13.76
C THR B 123 12.10 -9.96 -13.77
N THR B 124 12.62 -11.13 -13.42
CA THR B 124 11.78 -12.32 -13.31
C THR B 124 10.73 -12.14 -12.21
N ARG B 125 11.14 -11.62 -11.07
CA ARG B 125 10.20 -11.13 -10.07
C ARG B 125 9.87 -9.67 -10.39
N LEU B 126 8.68 -9.24 -10.00
CA LEU B 126 8.17 -7.91 -10.33
C LEU B 126 8.15 -7.72 -11.85
N THR B 127 7.33 -8.53 -12.52
CA THR B 127 7.36 -8.60 -13.97
C THR B 127 6.97 -7.28 -14.61
N PHE B 128 5.98 -6.59 -14.04
CA PHE B 128 5.54 -5.32 -14.61
C PHE B 128 6.62 -4.25 -14.46
N GLY B 129 7.46 -4.36 -13.45
CA GLY B 129 8.50 -3.39 -13.20
C GLY B 129 8.25 -2.62 -11.91
N TRP B 130 9.21 -1.73 -11.61
CA TRP B 130 9.16 -0.92 -10.40
C TRP B 130 8.39 0.39 -10.61
N HIS B 131 7.52 0.45 -11.61
CA HIS B 131 6.83 1.69 -11.94
C HIS B 131 5.78 2.07 -10.88
N ARG B 132 5.42 1.15 -10.00
CA ARG B 132 4.48 1.46 -8.92
C ARG B 132 5.19 1.90 -7.65
N ALA B 133 6.52 2.04 -7.68
CA ALA B 133 7.24 2.47 -6.49
C ALA B 133 6.99 3.93 -6.13
N GLU B 134 6.47 4.73 -7.07
CA GLU B 134 6.15 6.11 -6.76
C GLU B 134 4.74 6.29 -6.22
N ILE B 135 3.96 5.21 -6.09
CA ILE B 135 2.71 5.27 -5.35
C ILE B 135 2.97 4.99 -3.87
N LEU B 136 3.75 3.95 -3.58
CA LEU B 136 4.14 3.66 -2.21
C LEU B 136 5.00 4.79 -1.64
N GLY B 137 5.89 5.36 -2.46
CA GLY B 137 6.70 6.45 -1.99
C GLY B 137 5.88 7.68 -1.65
N ALA B 138 4.86 7.97 -2.46
CA ALA B 138 4.01 9.12 -2.18
C ALA B 138 3.08 8.87 -1.00
N LEU B 139 2.66 7.61 -0.80
CA LEU B 139 1.77 7.31 0.33
C LEU B 139 2.47 7.57 1.66
N MET B 140 3.76 7.26 1.75
CA MET B 140 4.48 7.51 2.99
C MET B 140 4.58 9.01 3.29
N SER B 141 4.61 9.85 2.26
CA SER B 141 4.63 11.29 2.48
C SER B 141 3.32 11.78 3.11
N VAL B 142 2.19 11.25 2.66
CA VAL B 142 0.91 11.65 3.22
C VAL B 142 0.76 11.19 4.66
N ILE B 143 1.29 9.99 4.97
CA ILE B 143 1.23 9.49 6.33
C ILE B 143 1.98 10.41 7.29
N THR B 144 3.09 11.01 6.83
CA THR B 144 3.85 11.91 7.68
C THR B 144 3.00 13.10 8.14
N ILE B 145 2.12 13.60 7.27
CA ILE B 145 1.28 14.74 7.64
C ILE B 145 0.38 14.38 8.81
N TRP B 146 -0.20 13.19 8.80
CA TRP B 146 -1.07 12.78 9.90
C TRP B 146 -0.29 12.62 11.20
N LEU B 147 0.90 12.01 11.15
CA LEU B 147 1.70 11.82 12.35
C LEU B 147 2.22 13.14 12.90
N VAL B 148 2.70 14.03 12.02
CA VAL B 148 3.24 15.31 12.47
C VAL B 148 2.14 16.15 13.13
N THR B 149 0.95 16.18 12.52
CA THR B 149 -0.15 16.97 13.08
C THR B 149 -0.56 16.46 14.45
N GLY B 150 -0.62 15.13 14.62
CA GLY B 150 -1.00 14.58 15.91
C GLY B 150 -0.03 14.95 17.01
N VAL B 151 1.26 15.03 16.69
CA VAL B 151 2.26 15.43 17.68
C VAL B 151 2.02 16.87 18.12
N LEU B 152 1.77 17.76 17.16
CA LEU B 152 1.55 19.17 17.50
C LEU B 152 0.24 19.36 18.26
N VAL B 153 -0.77 18.54 17.99
CA VAL B 153 -2.01 18.60 18.76
C VAL B 153 -1.74 18.26 20.22
N TYR B 154 -0.93 17.23 20.47
CA TYR B 154 -0.62 16.83 21.84
C TYR B 154 0.12 17.94 22.58
N LEU B 155 1.08 18.60 21.92
CA LEU B 155 1.80 19.69 22.55
C LEU B 155 0.87 20.87 22.83
N ALA B 156 -0.02 21.19 21.89
CA ALA B 156 -0.96 22.28 22.10
C ALA B 156 -1.98 21.94 23.17
N CYS B 157 -2.36 20.66 23.26
CA CYS B 157 -3.31 20.23 24.29
C CYS B 157 -2.74 20.39 25.69
N GLU B 158 -1.44 20.12 25.85
CA GLU B 158 -0.80 20.20 27.16
C GLU B 158 -0.70 21.63 27.67
N ARG B 159 -0.96 22.64 26.84
CA ARG B 159 -0.88 24.02 27.31
C ARG B 159 -1.93 24.31 28.37
N LEU B 160 -3.05 23.59 28.36
CA LEU B 160 -4.12 23.85 29.32
C LEU B 160 -3.67 23.55 30.75
N ILE B 161 -3.04 22.38 30.96
CA ILE B 161 -2.64 22.00 32.31
C ILE B 161 -1.49 22.85 32.81
N ARG B 162 -0.61 23.30 31.92
CA ARG B 162 0.57 24.09 32.29
C ARG B 162 0.61 25.34 31.43
N PRO B 163 -0.21 26.34 31.74
CA PRO B 163 -0.18 27.59 30.97
C PRO B 163 1.13 28.34 31.17
N ASP B 164 1.52 29.09 30.15
CA ASP B 164 2.75 29.87 30.20
C ASP B 164 2.64 31.11 29.31
N THR B 170 8.22 39.19 20.84
CA THR B 170 8.92 39.55 19.62
C THR B 170 9.48 38.31 18.92
N VAL B 171 9.88 37.31 19.72
CA VAL B 171 10.40 36.08 19.16
C VAL B 171 9.32 35.32 18.40
N MET B 172 8.07 35.38 18.88
CA MET B 172 6.98 34.70 18.18
C MET B 172 6.74 35.31 16.81
N LEU B 173 6.80 36.64 16.71
CA LEU B 173 6.52 37.30 15.44
C LEU B 173 7.57 36.96 14.38
N ILE B 174 8.85 36.98 14.75
CA ILE B 174 9.92 36.73 13.78
C ILE B 174 9.91 35.26 13.34
N THR B 175 9.61 34.35 14.26
CA THR B 175 9.55 32.93 13.90
C THR B 175 8.41 32.67 12.94
N SER B 176 7.25 33.28 13.17
CA SER B 176 6.11 33.10 12.28
C SER B 176 6.39 33.69 10.90
N ALA B 177 7.05 34.84 10.85
CA ALA B 177 7.35 35.47 9.57
C ALA B 177 8.28 34.60 8.73
N CYS B 178 9.30 34.02 9.35
CA CYS B 178 10.22 33.15 8.62
C CYS B 178 9.52 31.89 8.14
N ALA B 179 8.71 31.27 8.99
CA ALA B 179 8.01 30.05 8.59
C ALA B 179 6.99 30.34 7.50
N LEU B 180 6.25 31.45 7.61
CA LEU B 180 5.27 31.80 6.59
C LEU B 180 5.93 32.29 5.30
N GLY B 181 7.20 32.68 5.36
CA GLY B 181 7.89 33.13 4.17
C GLY B 181 8.46 31.97 3.36
N ALA B 182 9.18 31.07 4.03
CA ALA B 182 9.77 29.93 3.33
C ALA B 182 8.71 29.02 2.75
N ASN B 183 7.66 28.73 3.52
CA ASN B 183 6.62 27.82 3.05
C ASN B 183 5.90 28.39 1.84
N LEU B 184 5.61 29.69 1.85
CA LEU B 184 4.87 30.30 0.75
C LEU B 184 5.70 30.30 -0.53
N VAL B 185 7.02 30.47 -0.41
CA VAL B 185 7.87 30.48 -1.60
C VAL B 185 7.87 29.13 -2.29
N LEU B 186 7.98 28.04 -1.52
CA LEU B 186 8.03 26.71 -2.11
C LEU B 186 6.69 26.32 -2.73
N ALA B 187 5.60 26.96 -2.33
CA ALA B 187 4.30 26.67 -2.93
C ALA B 187 4.29 27.03 -4.41
N LEU B 188 4.85 28.19 -4.76
CA LEU B 188 4.87 28.61 -6.16
C LEU B 188 5.87 27.80 -6.98
N ILE B 189 6.98 27.38 -6.36
CA ILE B 189 8.01 26.64 -7.09
C ILE B 189 7.46 25.29 -7.55
N LEU B 190 6.78 24.58 -6.66
CA LEU B 190 6.19 23.29 -7.03
C LEU B 190 5.09 23.47 -8.06
N HIS B 191 4.25 24.50 -7.90
CA HIS B 191 3.17 24.77 -8.84
C HIS B 191 2.89 26.26 -8.96
N LYS B 212 -5.90 16.32 -21.28
CA LYS B 212 -4.59 16.52 -20.68
C LYS B 212 -4.31 15.46 -19.62
N PRO B 213 -3.06 15.03 -19.52
CA PRO B 213 -2.70 13.97 -18.56
C PRO B 213 -2.90 14.42 -17.12
N GLN B 214 -3.22 13.45 -16.27
CA GLN B 214 -3.41 13.71 -14.85
C GLN B 214 -2.08 14.07 -14.20
N THR B 215 -2.16 14.83 -13.12
CA THR B 215 -0.97 15.31 -12.43
C THR B 215 -0.16 14.15 -11.84
N ASN B 216 1.14 14.37 -11.72
CA ASN B 216 2.04 13.32 -11.24
C ASN B 216 1.69 12.92 -9.82
N ALA B 217 1.86 11.63 -9.52
CA ALA B 217 1.53 11.12 -8.20
C ALA B 217 2.50 11.57 -7.13
N SER B 218 3.66 12.11 -7.50
CA SER B 218 4.65 12.59 -6.53
C SER B 218 4.59 14.09 -6.32
N ILE B 219 4.35 14.86 -7.39
CA ILE B 219 4.15 16.30 -7.22
C ILE B 219 2.86 16.57 -6.46
N ARG B 220 1.83 15.76 -6.69
CA ARG B 220 0.57 15.91 -5.98
C ARG B 220 0.68 15.56 -4.50
N ALA B 221 1.79 14.94 -4.08
CA ALA B 221 2.02 14.64 -2.68
C ALA B 221 2.97 15.63 -2.01
N ALA B 222 4.04 16.03 -2.71
CA ALA B 222 4.95 17.02 -2.15
C ALA B 222 4.28 18.38 -2.02
N PHE B 223 3.45 18.76 -2.99
CA PHE B 223 2.74 20.03 -2.91
C PHE B 223 1.81 20.07 -1.71
N ILE B 224 1.09 18.96 -1.46
CA ILE B 224 0.18 18.90 -0.32
C ILE B 224 0.96 19.00 0.99
N HIS B 225 2.15 18.41 1.03
CA HIS B 225 2.98 18.50 2.23
C HIS B 225 3.41 19.94 2.50
N VAL B 226 3.85 20.66 1.46
CA VAL B 226 4.30 22.04 1.64
C VAL B 226 3.13 22.95 1.98
N ILE B 227 2.04 22.85 1.21
CA ILE B 227 0.91 23.76 1.43
C ILE B 227 0.02 23.28 2.58
N GLY B 228 0.14 22.02 2.99
CA GLY B 228 -0.60 21.57 4.16
C GLY B 228 -0.10 22.19 5.44
N ASP B 229 1.22 22.35 5.57
CA ASP B 229 1.80 22.91 6.79
C ASP B 229 1.86 24.44 6.75
N LEU B 230 1.43 25.07 5.65
CA LEU B 230 1.32 26.51 5.63
C LEU B 230 0.23 27.00 6.59
N PHE B 231 -0.81 26.18 6.80
CA PHE B 231 -1.88 26.57 7.71
C PHE B 231 -1.40 26.61 9.15
N GLN B 232 -0.48 25.72 9.54
CA GLN B 232 0.08 25.76 10.88
C GLN B 232 0.82 27.08 11.12
N SER B 233 1.59 27.53 10.12
CA SER B 233 2.27 28.81 10.25
C SER B 233 1.28 29.96 10.32
N ILE B 234 0.11 29.82 9.68
CA ILE B 234 -0.94 30.83 9.80
C ILE B 234 -1.48 30.86 11.21
N SER B 235 -1.68 29.68 11.82
CA SER B 235 -2.28 29.62 13.15
C SER B 235 -1.40 30.29 14.20
N VAL B 236 -0.10 30.04 14.16
CA VAL B 236 0.80 30.62 15.16
C VAL B 236 0.87 32.14 15.01
N LEU B 237 0.81 32.63 13.76
CA LEU B 237 0.82 34.07 13.53
C LEU B 237 -0.41 34.73 14.15
N ILE B 238 -1.58 34.13 13.97
CA ILE B 238 -2.80 34.68 14.55
C ILE B 238 -2.74 34.65 16.07
N SER B 239 -2.28 33.54 16.65
CA SER B 239 -2.21 33.43 18.10
C SER B 239 -1.22 34.43 18.68
N ALA B 240 -0.04 34.56 18.06
CA ALA B 240 0.95 35.50 18.55
C ALA B 240 0.47 36.94 18.45
N LEU B 241 -0.18 37.29 17.34
CA LEU B 241 -0.63 38.67 17.14
C LEU B 241 -1.68 39.06 18.17
N ILE B 242 -2.62 38.17 18.46
CA ILE B 242 -3.67 38.47 19.43
C ILE B 242 -3.07 38.60 20.83
N ILE B 243 -2.17 37.69 21.19
CA ILE B 243 -1.56 37.73 22.52
C ILE B 243 -0.72 38.99 22.69
N TYR B 244 0.04 39.37 21.67
CA TYR B 244 0.91 40.54 21.76
C TYR B 244 0.11 41.81 21.98
N PHE B 245 -1.11 41.89 21.45
CA PHE B 245 -1.95 43.06 21.64
C PHE B 245 -2.82 42.93 22.88
N LYS B 246 -3.34 41.74 23.16
CA LYS B 246 -4.15 41.48 24.34
C LYS B 246 -3.47 40.43 25.21
N PRO B 247 -2.74 40.84 26.25
CA PRO B 247 -2.09 39.84 27.12
C PRO B 247 -3.05 38.87 27.77
N GLU B 248 -4.27 39.33 28.10
CA GLU B 248 -5.26 38.46 28.72
C GLU B 248 -5.85 37.51 27.68
N TYR B 249 -6.81 36.69 28.12
CA TYR B 249 -7.46 35.70 27.27
C TYR B 249 -6.43 34.76 26.63
N LYS B 250 -5.53 34.24 27.46
CA LYS B 250 -4.50 33.32 26.98
C LYS B 250 -5.06 31.99 26.51
N MET B 251 -6.33 31.70 26.82
CA MET B 251 -6.95 30.46 26.38
C MET B 251 -7.19 30.42 24.87
N ALA B 252 -7.02 31.55 24.18
CA ALA B 252 -7.20 31.56 22.73
C ALA B 252 -6.08 30.82 22.01
N ASP B 253 -4.87 30.84 22.56
CA ASP B 253 -3.76 30.15 21.91
C ASP B 253 -3.97 28.64 21.84
N PRO B 254 -4.34 27.93 22.92
CA PRO B 254 -4.58 26.48 22.78
C PRO B 254 -5.70 26.15 21.80
N ILE B 255 -6.76 26.96 21.76
CA ILE B 255 -7.88 26.68 20.86
C ILE B 255 -7.61 27.17 19.44
N CYS B 256 -6.62 28.04 19.25
CA CYS B 256 -6.29 28.50 17.90
C CYS B 256 -5.81 27.34 17.03
N THR B 257 -4.98 26.46 17.59
CA THR B 257 -4.48 25.32 16.84
C THR B 257 -5.61 24.37 16.45
N PHE B 258 -6.54 24.12 17.37
CA PHE B 258 -7.61 23.16 17.12
C PHE B 258 -8.47 23.59 15.95
N ILE B 259 -8.81 24.87 15.86
CA ILE B 259 -9.65 25.36 14.77
C ILE B 259 -8.91 25.33 13.44
N PHE B 260 -7.58 25.22 13.46
CA PHE B 260 -6.80 25.18 12.23
C PHE B 260 -6.09 23.84 12.00
N SER B 261 -6.03 22.96 13.00
CA SER B 261 -5.45 21.64 12.78
C SER B 261 -6.37 20.75 11.95
N ILE B 262 -7.67 21.03 11.97
CA ILE B 262 -8.61 20.22 11.20
C ILE B 262 -8.43 20.46 9.71
N PHE B 263 -8.15 21.71 9.31
CA PHE B 263 -8.07 22.04 7.89
C PHE B 263 -6.94 21.30 7.20
N VAL B 264 -5.87 20.98 7.93
CA VAL B 264 -4.79 20.17 7.34
C VAL B 264 -5.29 18.75 7.08
N LEU B 265 -6.16 18.24 7.94
CA LEU B 265 -6.70 16.89 7.79
C LEU B 265 -7.82 16.81 6.76
N ILE B 266 -8.31 17.93 6.26
CA ILE B 266 -9.36 17.93 5.25
C ILE B 266 -8.79 18.00 3.85
N THR B 267 -7.76 18.82 3.63
CA THR B 267 -7.17 18.98 2.32
C THR B 267 -6.40 17.75 1.86
N THR B 268 -6.15 16.79 2.74
CA THR B 268 -5.42 15.57 2.39
C THR B 268 -6.34 14.38 2.21
N VAL B 269 -7.65 14.60 2.07
CA VAL B 269 -8.59 13.50 1.87
C VAL B 269 -8.76 13.17 0.40
N THR B 270 -8.84 14.18 -0.46
CA THR B 270 -8.96 13.93 -1.89
C THR B 270 -7.69 13.36 -2.49
N VAL B 271 -6.57 13.42 -1.78
CA VAL B 271 -5.35 12.78 -2.24
C VAL B 271 -5.31 11.31 -1.83
N LEU B 272 -5.73 11.02 -0.60
CA LEU B 272 -5.71 9.64 -0.12
C LEU B 272 -6.65 8.76 -0.94
N ARG B 273 -7.86 9.24 -1.22
CA ARG B 273 -8.81 8.43 -1.99
C ARG B 273 -8.32 8.22 -3.41
N ASP B 274 -7.81 9.26 -4.07
CA ASP B 274 -7.31 9.13 -5.43
C ASP B 274 -6.04 8.30 -5.52
N LEU B 275 -5.39 8.02 -4.40
CA LEU B 275 -4.16 7.23 -4.37
C LEU B 275 -4.36 5.84 -3.80
N LEU B 276 -5.44 5.60 -3.05
CA LEU B 276 -5.70 4.30 -2.47
C LEU B 276 -6.40 3.35 -3.42
N THR B 277 -7.28 3.86 -4.30
CA THR B 277 -7.95 2.99 -5.26
C THR B 277 -6.98 2.45 -6.31
N VAL B 278 -5.85 3.11 -6.53
CA VAL B 278 -4.82 2.57 -7.41
C VAL B 278 -4.16 1.36 -6.77
N LEU B 279 -3.92 1.42 -5.45
CA LEU B 279 -3.23 0.34 -4.76
C LEU B 279 -4.08 -0.91 -4.65
N MET B 280 -5.41 -0.80 -4.76
CA MET B 280 -6.28 -1.96 -4.84
C MET B 280 -6.84 -2.15 -6.25
N GLU B 281 -6.06 -1.73 -7.25
CA GLU B 281 -6.35 -1.88 -8.68
C GLU B 281 -7.81 -1.57 -9.01
N GLY B 282 -8.19 -0.33 -8.73
CA GLY B 282 -9.46 0.20 -9.16
C GLY B 282 -9.31 1.04 -10.41
N THR B 283 -10.45 1.41 -10.99
CA THR B 283 -10.45 2.21 -12.21
C THR B 283 -9.94 3.61 -11.90
N PRO B 284 -8.92 4.10 -12.59
CA PRO B 284 -8.39 5.43 -12.29
C PRO B 284 -9.25 6.53 -12.88
N ARG B 285 -9.01 7.75 -12.39
CA ARG B 285 -9.70 8.92 -12.93
C ARG B 285 -9.24 9.19 -14.36
N GLY B 286 -10.14 9.75 -15.15
CA GLY B 286 -9.86 10.10 -16.52
C GLY B 286 -10.36 9.09 -17.54
N ILE B 287 -10.71 7.88 -17.11
CA ILE B 287 -11.26 6.86 -17.99
C ILE B 287 -12.53 6.32 -17.36
N HIS B 288 -13.42 5.81 -18.21
CA HIS B 288 -14.72 5.33 -17.79
C HIS B 288 -14.95 3.91 -18.30
N TYR B 289 -15.54 3.07 -17.45
CA TYR B 289 -15.83 1.69 -17.84
C TYR B 289 -16.82 1.64 -19.00
N SER B 290 -17.84 2.49 -18.97
CA SER B 290 -18.88 2.44 -20.00
C SER B 290 -18.35 2.92 -21.36
N ASP B 291 -17.47 3.92 -21.34
CA ASP B 291 -16.93 4.44 -22.60
C ASP B 291 -16.08 3.40 -23.32
N VAL B 292 -15.24 2.67 -22.57
CA VAL B 292 -14.36 1.68 -23.18
C VAL B 292 -15.17 0.52 -23.73
N LYS B 293 -16.24 0.12 -23.02
CA LYS B 293 -17.07 -0.99 -23.48
C LYS B 293 -17.76 -0.66 -24.80
N GLN B 294 -18.14 0.60 -24.99
CA GLN B 294 -18.80 1.00 -26.24
C GLN B 294 -17.81 1.02 -27.40
N SER B 295 -16.54 1.34 -27.13
CA SER B 295 -15.54 1.39 -28.21
C SER B 295 -15.31 0.02 -28.82
N ILE B 296 -15.24 -1.02 -27.98
CA ILE B 296 -15.01 -2.37 -28.47
C ILE B 296 -16.18 -2.83 -29.35
N LEU B 297 -17.41 -2.57 -28.90
CA LEU B 297 -18.60 -3.05 -29.60
C LEU B 297 -18.80 -2.40 -30.96
N ALA B 298 -18.06 -1.34 -31.28
CA ALA B 298 -18.19 -0.70 -32.59
C ALA B 298 -17.76 -1.63 -33.72
N VAL B 299 -16.90 -2.62 -33.44
CA VAL B 299 -16.48 -3.56 -34.46
C VAL B 299 -17.66 -4.47 -34.84
N ASP B 300 -17.75 -4.80 -36.13
CA ASP B 300 -18.86 -5.64 -36.59
C ASP B 300 -18.75 -7.06 -36.06
N GLY B 301 -17.52 -7.59 -35.98
CA GLY B 301 -17.36 -8.99 -35.59
C GLY B 301 -17.76 -9.27 -34.15
N VAL B 302 -17.38 -8.38 -33.23
CA VAL B 302 -17.60 -8.62 -31.81
C VAL B 302 -19.10 -8.63 -31.51
N LYS B 303 -19.51 -9.50 -30.59
CA LYS B 303 -20.90 -9.63 -30.19
C LYS B 303 -21.15 -9.29 -28.72
N SER B 304 -20.27 -9.73 -27.81
CA SER B 304 -20.44 -9.45 -26.40
C SER B 304 -19.08 -9.47 -25.72
N VAL B 305 -18.96 -8.68 -24.66
CA VAL B 305 -17.74 -8.62 -23.86
C VAL B 305 -18.10 -8.96 -22.41
N HIS B 306 -17.32 -9.87 -21.81
CA HIS B 306 -17.54 -10.24 -20.43
C HIS B 306 -16.19 -10.28 -19.71
N SER B 307 -16.25 -10.11 -18.38
CA SER B 307 -15.07 -10.10 -17.52
C SER B 307 -14.06 -9.04 -17.97
N LEU B 308 -14.56 -7.84 -18.23
CA LEU B 308 -13.69 -6.71 -18.50
C LEU B 308 -12.87 -6.38 -17.25
N HIS B 309 -11.66 -5.86 -17.46
CA HIS B 309 -10.77 -5.58 -16.34
C HIS B 309 -9.91 -4.37 -16.68
N LEU B 310 -10.10 -3.28 -15.94
CA LEU B 310 -9.26 -2.10 -16.03
C LEU B 310 -8.61 -1.85 -14.68
N TRP B 311 -7.31 -1.56 -14.70
CA TRP B 311 -6.62 -1.17 -13.48
C TRP B 311 -5.41 -0.34 -13.86
N ALA B 312 -5.03 0.56 -12.97
CA ALA B 312 -3.96 1.52 -13.23
C ALA B 312 -2.69 1.07 -12.52
N LEU B 313 -1.63 0.83 -13.29
CA LEU B 313 -0.35 0.49 -12.68
C LEU B 313 0.21 1.69 -11.94
N THR B 314 0.13 2.88 -12.54
CA THR B 314 0.38 4.13 -11.83
C THR B 314 -0.70 5.12 -12.22
N MET B 315 -0.57 6.38 -11.83
CA MET B 315 -1.68 7.32 -11.98
C MET B 315 -2.04 7.57 -13.43
N ASN B 316 -1.03 7.66 -14.31
CA ASN B 316 -1.27 7.97 -15.73
C ASN B 316 -0.84 6.83 -16.65
N GLN B 317 -0.96 5.59 -16.18
CA GLN B 317 -0.76 4.41 -17.02
C GLN B 317 -1.85 3.41 -16.71
N VAL B 318 -2.55 2.95 -17.75
CA VAL B 318 -3.68 2.05 -17.58
C VAL B 318 -3.45 0.80 -18.42
N ILE B 319 -4.08 -0.30 -17.98
CA ILE B 319 -3.97 -1.59 -18.64
C ILE B 319 -5.36 -2.15 -18.85
N LEU B 320 -5.54 -2.88 -19.95
CA LEU B 320 -6.83 -3.44 -20.34
C LEU B 320 -6.73 -4.94 -20.49
N SER B 321 -7.81 -5.65 -20.13
CA SER B 321 -7.90 -7.08 -20.32
C SER B 321 -9.38 -7.45 -20.43
N ALA B 322 -9.71 -8.27 -21.42
CA ALA B 322 -11.11 -8.55 -21.70
C ALA B 322 -11.25 -9.88 -22.43
N HIS B 323 -12.50 -10.32 -22.57
CA HIS B 323 -12.86 -11.43 -23.45
C HIS B 323 -13.77 -10.90 -24.54
N ILE B 324 -13.70 -11.51 -25.71
CA ILE B 324 -14.49 -11.09 -26.87
C ILE B 324 -15.13 -12.33 -27.48
N ALA B 325 -16.42 -12.26 -27.74
CA ALA B 325 -17.16 -13.35 -28.37
C ALA B 325 -17.57 -12.93 -29.77
N THR B 326 -17.30 -13.79 -30.75
CA THR B 326 -17.63 -13.51 -32.14
C THR B 326 -18.49 -14.63 -32.71
N ASP B 327 -19.38 -14.27 -33.63
CA ASP B 327 -20.28 -15.25 -34.23
C ASP B 327 -19.53 -16.18 -35.19
N ILE B 328 -18.66 -15.62 -36.02
CA ILE B 328 -17.91 -16.41 -36.99
C ILE B 328 -16.72 -17.07 -36.29
N VAL B 329 -16.64 -18.40 -36.37
CA VAL B 329 -15.55 -19.12 -35.74
C VAL B 329 -14.23 -18.82 -36.45
N GLY B 330 -14.27 -18.66 -37.77
CA GLY B 330 -13.08 -18.36 -38.54
C GLY B 330 -12.85 -16.87 -38.70
N GLU B 331 -11.81 -16.54 -39.46
CA GLU B 331 -11.43 -15.15 -39.73
C GLU B 331 -11.20 -14.38 -38.43
N SER B 332 -10.60 -15.03 -37.45
CA SER B 332 -10.32 -14.39 -36.17
C SER B 332 -9.08 -13.50 -36.22
N LYS B 333 -8.21 -13.67 -37.23
CA LYS B 333 -7.03 -12.83 -37.33
C LYS B 333 -7.40 -11.39 -37.63
N ARG B 334 -8.40 -11.17 -38.49
CA ARG B 334 -8.80 -9.81 -38.85
C ARG B 334 -9.40 -9.07 -37.67
N ILE B 335 -10.13 -9.77 -36.80
CA ILE B 335 -10.81 -9.11 -35.68
C ILE B 335 -9.80 -8.49 -34.72
N LEU B 336 -8.70 -9.20 -34.47
CA LEU B 336 -7.71 -8.72 -33.50
C LEU B 336 -7.09 -7.40 -33.96
N LYS B 337 -6.78 -7.28 -35.25
CA LYS B 337 -6.19 -6.04 -35.74
C LYS B 337 -7.15 -4.87 -35.63
N ASP B 338 -8.43 -5.08 -35.94
CA ASP B 338 -9.39 -3.99 -35.90
C ASP B 338 -9.68 -3.56 -34.46
N VAL B 339 -9.87 -4.51 -33.56
CA VAL B 339 -10.24 -4.18 -32.18
C VAL B 339 -9.10 -3.45 -31.48
N THR B 340 -7.87 -3.95 -31.64
CA THR B 340 -6.73 -3.32 -30.99
C THR B 340 -6.49 -1.91 -31.51
N GLN B 341 -6.66 -1.70 -32.82
CA GLN B 341 -6.53 -0.36 -33.38
C GLN B 341 -7.62 0.56 -32.86
N ASN B 342 -8.85 0.05 -32.74
CA ASN B 342 -9.97 0.88 -32.29
C ASN B 342 -9.85 1.20 -30.80
N VAL B 343 -9.33 0.27 -30.00
CA VAL B 343 -9.19 0.52 -28.57
C VAL B 343 -8.16 1.60 -28.31
N PHE B 344 -7.04 1.58 -29.04
CA PHE B 344 -5.97 2.55 -28.83
C PHE B 344 -6.33 3.95 -29.30
N ALA B 345 -7.44 4.11 -30.04
CA ALA B 345 -7.83 5.41 -30.56
C ALA B 345 -8.69 6.21 -29.59
N ARG B 346 -8.62 5.91 -28.30
CA ARG B 346 -9.38 6.66 -27.30
C ARG B 346 -8.49 7.08 -26.15
N PHE B 347 -7.45 6.28 -25.87
CA PHE B 347 -6.56 6.54 -24.74
C PHE B 347 -5.25 5.81 -25.00
N PRO B 348 -4.11 6.38 -24.63
CA PRO B 348 -2.84 5.66 -24.76
C PRO B 348 -2.68 4.64 -23.66
N PHE B 349 -2.83 3.36 -24.00
CA PHE B 349 -2.77 2.29 -23.02
C PHE B 349 -1.33 1.81 -22.84
N HIS B 350 -1.00 1.41 -21.62
CA HIS B 350 0.30 0.81 -21.38
C HIS B 350 0.41 -0.56 -22.05
N SER B 351 -0.64 -1.36 -21.98
CA SER B 351 -0.69 -2.65 -22.66
C SER B 351 -2.14 -3.10 -22.74
N VAL B 352 -2.39 -4.06 -23.64
CA VAL B 352 -3.74 -4.58 -23.84
C VAL B 352 -3.63 -6.05 -24.25
N THR B 353 -4.49 -6.88 -23.64
CA THR B 353 -4.55 -8.30 -23.93
C THR B 353 -6.00 -8.70 -24.16
N ILE B 354 -6.32 -9.18 -25.35
CA ILE B 354 -7.69 -9.45 -25.76
C ILE B 354 -7.76 -10.88 -26.28
N GLN B 355 -8.61 -11.69 -25.65
CA GLN B 355 -8.87 -13.06 -26.06
C GLN B 355 -10.10 -13.11 -26.95
N VAL B 356 -10.18 -14.16 -27.76
CA VAL B 356 -11.32 -14.40 -28.63
C VAL B 356 -11.92 -15.76 -28.31
N GLU B 357 -13.23 -15.80 -28.11
CA GLU B 357 -13.95 -17.03 -27.78
C GLU B 357 -15.08 -17.22 -28.79
N PRO B 358 -15.26 -18.43 -29.32
CA PRO B 358 -16.37 -18.68 -30.23
C PRO B 358 -17.71 -18.53 -29.52
N ILE B 359 -18.73 -18.16 -30.29
CA ILE B 359 -20.04 -17.87 -29.71
C ILE B 359 -20.70 -19.10 -29.11
N GLU B 360 -20.27 -20.31 -29.51
CA GLU B 360 -20.88 -21.52 -28.98
C GLU B 360 -20.47 -21.76 -27.53
N ASP B 361 -19.30 -21.27 -27.12
CA ASP B 361 -18.80 -21.52 -25.77
C ASP B 361 -19.40 -20.59 -24.73
N GLN B 362 -20.21 -19.61 -25.13
CA GLN B 362 -20.84 -18.72 -24.17
C GLN B 362 -21.91 -19.47 -23.37
N SER B 363 -22.13 -19.01 -22.15
CA SER B 363 -23.10 -19.63 -21.26
C SER B 363 -24.08 -18.59 -20.75
N PRO B 364 -25.33 -18.99 -20.49
CA PRO B 364 -26.37 -18.01 -20.12
C PRO B 364 -26.22 -17.42 -18.73
N GLU B 365 -25.94 -18.25 -17.73
CA GLU B 365 -26.12 -17.86 -16.34
C GLU B 365 -24.87 -18.09 -15.50
N CYS B 366 -23.69 -18.13 -16.12
CA CYS B 366 -22.44 -18.24 -15.37
C CYS B 366 -22.31 -17.08 -14.38
N MET B 367 -21.95 -17.41 -13.14
CA MET B 367 -21.80 -16.38 -12.12
C MET B 367 -20.57 -15.52 -12.38
N PHE B 368 -19.51 -16.11 -12.94
CA PHE B 368 -18.31 -15.33 -13.26
C PHE B 368 -18.55 -14.40 -14.43
N CYS B 369 -19.43 -14.76 -15.36
CA CYS B 369 -19.65 -13.95 -16.56
C CYS B 369 -20.24 -12.59 -16.19
N TYR B 370 -21.17 -12.56 -15.24
CA TYR B 370 -21.79 -11.31 -14.82
C TYR B 370 -20.82 -10.43 -14.04
ZN ZN C . 2.39 -9.76 -28.84
ZN ZN D . -19.20 -18.40 -17.68
ZN ZN E . 7.62 -6.53 -30.26
ZN ZN F . -14.69 -16.08 -21.42
#